data_6ONB
#
_entry.id   6ONB
#
_cell.length_a   87.460
_cell.length_b   79.103
_cell.length_c   89.977
_cell.angle_alpha   90.00
_cell.angle_beta   94.22
_cell.angle_gamma   90.00
#
_symmetry.space_group_name_H-M   'C 1 2 1'
#
loop_
_entity.id
_entity.type
_entity.pdbx_description
1 polymer 'Zwei Ig domain protein zig-8'
2 polymer 'NeuRonal IgCAM-5'
3 branched 2-acetamido-2-deoxy-beta-D-glucopyranose-(1-4)-2-acetamido-2-deoxy-beta-D-glucopyranose
4 non-polymer 'SULFATE ION'
5 non-polymer 2-acetamido-2-deoxy-beta-D-glucopyranose
6 water water
#
loop_
_entity_poly.entity_id
_entity_poly.type
_entity_poly.pdbx_seq_one_letter_code
_entity_poly.pdbx_strand_id
1 'polypeptide(L)'
;ADPASEEVMACLRQERSRVENPSQTIVNVVAENPAYLHCSVPPDAEHEIAWTRVSDGALLTAGNRTFTRDPRWQVSKKSA
NIWVLNLRRAEQQDSGCYLCEINDKHNTVYAVYLKVLEPHHHHHH
;
A,C
2 'polypeptide(L)'
;GSGAPPTIQQPSMSSAVALLGQDVDFTCIVNDLGSHMVAFVKADSPPRLLSFDEKVFRRRNKYELKPRIGDLHNEWVLTI
KNVQESDRGNYSCQINTEPITLSTGELDVKVPHHHHHH
;
B,D
#
loop_
_chem_comp.id
_chem_comp.type
_chem_comp.name
_chem_comp.formula
NAG D-saccharide, beta linking 2-acetamido-2-deoxy-beta-D-glucopyranose 'C8 H15 N O6'
SO4 non-polymer 'SULFATE ION' 'O4 S -2'
#
# COMPACT_ATOMS: atom_id res chain seq x y z
N ALA A 4 -19.81 -15.29 20.21
CA ALA A 4 -18.41 -14.94 20.36
C ALA A 4 -17.55 -16.19 20.43
N SER A 5 -18.01 -17.18 21.20
CA SER A 5 -17.31 -18.46 21.26
C SER A 5 -17.36 -19.16 19.90
N GLU A 6 -18.49 -19.09 19.21
CA GLU A 6 -18.61 -19.73 17.90
C GLU A 6 -17.69 -19.07 16.89
N GLU A 7 -17.53 -17.75 16.96
CA GLU A 7 -16.65 -17.04 16.02
C GLU A 7 -15.20 -17.49 16.18
N VAL A 8 -14.73 -17.61 17.42
CA VAL A 8 -13.37 -18.10 17.68
C VAL A 8 -13.23 -19.54 17.23
N MET A 9 -14.23 -20.37 17.52
CA MET A 9 -14.16 -21.77 17.10
C MET A 9 -14.15 -21.89 15.57
N ALA A 10 -14.99 -21.11 14.89
CA ALA A 10 -15.01 -21.15 13.42
C ALA A 10 -13.65 -20.79 12.84
N CYS A 11 -12.93 -19.89 13.50
CA CYS A 11 -11.56 -19.56 13.10
C CYS A 11 -10.62 -20.72 13.37
N LEU A 12 -10.57 -21.17 14.63
CA LEU A 12 -9.53 -22.11 15.03
C LEU A 12 -9.71 -23.49 14.41
N ARG A 13 -10.93 -23.86 14.01
CA ARG A 13 -11.18 -25.10 13.28
C ARG A 13 -10.50 -25.14 11.92
N GLN A 14 -10.02 -24.00 11.42
CA GLN A 14 -9.39 -23.98 10.11
C GLN A 14 -7.94 -24.44 10.14
N GLU A 15 -7.39 -24.72 11.32
CA GLU A 15 -6.03 -25.26 11.38
C GLU A 15 -5.97 -26.59 10.64
N ARG A 16 -4.91 -26.79 9.87
CA ARG A 16 -4.63 -28.05 9.19
C ARG A 16 -3.17 -28.39 9.49
N SER A 17 -2.92 -29.28 10.46
CA SER A 17 -1.53 -29.51 10.83
C SER A 17 -1.31 -30.93 11.30
N ARG A 18 -0.07 -31.41 11.14
CA ARG A 18 0.29 -32.75 11.61
C ARG A 18 0.42 -32.77 13.13
N VAL A 19 0.94 -31.69 13.72
CA VAL A 19 1.07 -31.57 15.17
C VAL A 19 0.39 -30.27 15.59
N GLU A 20 -0.26 -30.29 16.75
CA GLU A 20 -0.91 -29.12 17.32
C GLU A 20 -0.02 -27.89 17.22
N ASN A 21 -0.62 -26.77 16.87
CA ASN A 21 0.06 -25.50 16.84
C ASN A 21 0.72 -25.23 18.19
N PRO A 22 2.04 -25.02 18.24
CA PRO A 22 2.70 -24.72 19.52
C PRO A 22 2.59 -23.28 19.99
N SER A 23 2.09 -22.37 19.14
CA SER A 23 2.08 -20.95 19.41
C SER A 23 0.71 -20.48 19.88
N GLN A 24 0.63 -19.20 20.28
CA GLN A 24 -0.64 -18.61 20.66
C GLN A 24 -1.59 -18.60 19.48
N THR A 25 -2.85 -18.94 19.73
CA THR A 25 -3.84 -18.87 18.65
C THR A 25 -5.00 -17.97 19.01
N ILE A 26 -5.01 -17.38 20.21
CA ILE A 26 -5.97 -16.35 20.58
C ILE A 26 -5.18 -15.17 21.12
N VAL A 27 -5.30 -14.02 20.48
CA VAL A 27 -4.49 -12.86 20.83
C VAL A 27 -5.42 -11.69 21.12
N ASN A 28 -5.41 -11.21 22.37
CA ASN A 28 -6.13 -10.02 22.79
C ASN A 28 -5.16 -8.85 22.90
N VAL A 29 -5.51 -7.72 22.28
CA VAL A 29 -4.71 -6.49 22.39
C VAL A 29 -5.65 -5.30 22.49
N VAL A 30 -5.14 -4.22 23.09
CA VAL A 30 -5.87 -2.96 23.17
C VAL A 30 -5.66 -2.16 21.89
N ALA A 31 -6.74 -1.53 21.40
CA ALA A 31 -6.64 -0.72 20.21
C ALA A 31 -5.55 0.34 20.36
N GLU A 32 -4.82 0.57 19.28
CA GLU A 32 -3.67 1.47 19.10
C GLU A 32 -2.35 0.83 19.49
N ASN A 33 -2.36 -0.35 20.12
CA ASN A 33 -1.13 -1.07 20.43
C ASN A 33 -0.79 -2.04 19.32
N PRO A 34 0.45 -2.55 19.29
CA PRO A 34 0.80 -3.57 18.29
C PRO A 34 0.32 -4.95 18.69
N ALA A 35 0.17 -5.80 17.67
CA ALA A 35 -0.14 -7.20 17.84
C ALA A 35 0.92 -8.02 17.11
N TYR A 36 1.21 -9.20 17.66
CA TYR A 36 2.21 -10.10 17.09
C TYR A 36 1.58 -11.48 16.99
N LEU A 37 1.42 -11.97 15.76
CA LEU A 37 0.89 -13.30 15.50
C LEU A 37 2.03 -14.19 15.03
N HIS A 38 2.10 -15.41 15.56
CA HIS A 38 3.25 -16.29 15.38
C HIS A 38 2.91 -17.47 14.49
N CYS A 39 3.89 -17.89 13.68
CA CYS A 39 3.76 -19.04 12.79
C CYS A 39 5.03 -19.88 12.92
N SER A 40 4.91 -21.11 13.42
CA SER A 40 6.04 -21.99 13.68
CA SER A 40 6.06 -21.97 13.68
C SER A 40 6.41 -22.79 12.45
N VAL A 41 7.72 -22.95 12.21
CA VAL A 41 8.19 -23.77 11.08
C VAL A 41 9.25 -24.74 11.60
N PRO A 42 9.46 -25.89 10.93
CA PRO A 42 10.38 -26.88 11.47
C PRO A 42 11.79 -26.34 11.47
N PRO A 43 12.62 -26.78 12.42
CA PRO A 43 14.05 -26.47 12.34
C PRO A 43 14.64 -27.03 11.06
N ASP A 44 15.54 -26.25 10.45
CA ASP A 44 16.33 -26.63 9.29
C ASP A 44 15.51 -26.69 8.01
N ALA A 45 14.21 -26.47 8.07
CA ALA A 45 13.48 -26.40 6.84
C ALA A 45 13.60 -25.00 6.24
N GLU A 46 13.26 -24.90 4.97
CA GLU A 46 13.37 -23.68 4.19
C GLU A 46 12.03 -23.32 3.59
N HIS A 47 10.94 -23.64 4.31
CA HIS A 47 9.61 -23.36 3.83
C HIS A 47 9.37 -21.86 3.79
N GLU A 48 8.49 -21.43 2.89
CA GLU A 48 7.95 -20.08 2.92
C GLU A 48 6.54 -20.08 3.48
N ILE A 49 6.14 -18.93 4.02
CA ILE A 49 4.85 -18.82 4.68
C ILE A 49 4.10 -17.64 4.07
N ALA A 50 2.78 -17.70 4.21
CA ALA A 50 1.92 -16.60 3.78
C ALA A 50 0.86 -16.35 4.84
N TRP A 51 0.60 -15.08 5.14
CA TRP A 51 -0.46 -14.69 6.05
C TRP A 51 -1.64 -14.11 5.29
N THR A 52 -2.85 -14.54 5.66
CA THR A 52 -4.08 -14.10 5.01
C THR A 52 -5.09 -13.69 6.06
N ARG A 53 -5.88 -12.66 5.73
CA ARG A 53 -6.99 -12.22 6.57
C ARG A 53 -8.26 -12.90 6.09
N VAL A 54 -8.96 -13.62 6.98
CA VAL A 54 -10.03 -14.47 6.49
C VAL A 54 -11.28 -13.66 6.13
N SER A 55 -11.54 -12.57 6.83
CA SER A 55 -12.81 -11.86 6.63
C SER A 55 -13.04 -11.49 5.16
N ASP A 56 -11.99 -11.02 4.48
CA ASP A 56 -12.10 -10.72 3.06
C ASP A 56 -11.24 -11.62 2.17
N GLY A 57 -10.40 -12.46 2.76
CA GLY A 57 -9.49 -13.26 1.97
C GLY A 57 -8.23 -12.53 1.53
N ALA A 58 -7.98 -11.33 2.07
CA ALA A 58 -6.84 -10.55 1.60
C ALA A 58 -5.52 -11.21 1.94
N LEU A 59 -4.65 -11.34 0.95
CA LEU A 59 -3.28 -11.77 1.22
C LEU A 59 -2.51 -10.63 1.87
N LEU A 60 -1.97 -10.87 3.07
CA LEU A 60 -1.24 -9.83 3.77
C LEU A 60 0.26 -9.88 3.48
N THR A 61 0.87 -11.06 3.64
CA THR A 61 2.29 -11.22 3.37
C THR A 61 2.51 -12.55 2.67
N ALA A 62 3.61 -12.64 1.93
CA ALA A 62 3.95 -13.90 1.26
C ALA A 62 5.47 -13.95 1.10
N GLY A 63 6.08 -15.03 1.57
CA GLY A 63 7.53 -15.05 1.67
C GLY A 63 7.95 -14.01 2.67
N ASN A 64 9.09 -13.37 2.39
CA ASN A 64 9.64 -12.33 3.24
CA ASN A 64 9.60 -12.34 3.28
C ASN A 64 9.14 -10.94 2.87
N ARG A 65 8.07 -10.84 2.08
CA ARG A 65 7.55 -9.57 1.56
C ARG A 65 6.15 -9.30 2.10
N THR A 66 5.87 -8.07 2.49
CA THR A 66 4.48 -7.69 2.66
C THR A 66 3.82 -7.63 1.29
N PHE A 67 2.59 -8.11 1.20
CA PHE A 67 1.80 -8.06 -0.03
C PHE A 67 0.76 -6.94 0.03
N THR A 68 0.05 -6.85 1.13
CA THR A 68 -0.94 -5.80 1.30
C THR A 68 -0.25 -4.43 1.24
N ARG A 69 -1.04 -3.41 0.88
CA ARG A 69 -0.55 -2.05 0.84
C ARG A 69 -0.90 -1.30 2.10
N ASP A 70 -1.62 -1.93 3.00
CA ASP A 70 -1.83 -1.42 4.35
C ASP A 70 -0.47 -1.35 5.05
N PRO A 71 0.01 -0.16 5.41
CA PRO A 71 1.41 -0.03 5.88
C PRO A 71 1.64 -0.58 7.27
N ARG A 72 0.60 -1.00 7.97
CA ARG A 72 0.73 -1.39 9.36
C ARG A 72 1.24 -2.83 9.53
N TRP A 73 1.39 -3.60 8.46
CA TRP A 73 1.75 -5.01 8.53
C TRP A 73 3.17 -5.24 8.06
N GLN A 74 3.88 -6.09 8.79
CA GLN A 74 5.24 -6.48 8.44
C GLN A 74 5.42 -7.93 8.88
N VAL A 75 6.21 -8.70 8.13
CA VAL A 75 6.51 -10.07 8.50
C VAL A 75 8.01 -10.17 8.74
N SER A 76 8.40 -10.97 9.73
CA SER A 76 9.81 -11.15 10.02
C SER A 76 10.04 -12.50 10.66
N LYS A 77 11.29 -12.95 10.62
CA LYS A 77 11.72 -14.18 11.27
C LYS A 77 12.23 -13.82 12.67
N LYS A 78 11.46 -14.20 13.69
CA LYS A 78 11.85 -13.89 15.07
C LYS A 78 13.02 -14.75 15.53
N SER A 79 13.02 -16.02 15.13
CA SER A 79 14.07 -16.96 15.49
C SER A 79 14.09 -18.02 14.40
N ALA A 80 14.95 -19.02 14.56
CA ALA A 80 15.10 -20.01 13.51
C ALA A 80 13.79 -20.72 13.19
N ASN A 81 12.89 -20.83 14.17
CA ASN A 81 11.67 -21.59 13.93
CA ASN A 81 11.67 -21.62 14.05
C ASN A 81 10.39 -20.79 14.11
N ILE A 82 10.47 -19.47 14.18
CA ILE A 82 9.26 -18.65 14.38
C ILE A 82 9.26 -17.48 13.41
N TRP A 83 8.19 -17.38 12.61
CA TRP A 83 7.83 -16.18 11.86
C TRP A 83 6.79 -15.38 12.63
N VAL A 84 6.86 -14.07 12.50
CA VAL A 84 5.93 -13.18 13.23
C VAL A 84 5.30 -12.22 12.25
N LEU A 85 3.97 -12.14 12.26
CA LEU A 85 3.23 -11.08 11.59
C LEU A 85 3.01 -9.97 12.61
N ASN A 86 3.60 -8.80 12.35
CA ASN A 86 3.54 -7.64 13.24
CA ASN A 86 3.50 -7.66 13.24
C ASN A 86 2.48 -6.68 12.68
N LEU A 87 1.48 -6.37 13.48
CA LEU A 87 0.47 -5.36 13.17
C LEU A 87 0.78 -4.19 14.08
N ARG A 88 1.17 -3.05 13.51
CA ARG A 88 1.83 -2.04 14.34
C ARG A 88 0.86 -1.17 15.12
N ARG A 89 -0.39 -1.02 14.68
CA ARG A 89 -1.31 -0.12 15.40
C ARG A 89 -2.72 -0.67 15.22
N ALA A 90 -3.08 -1.61 16.08
CA ALA A 90 -4.30 -2.38 15.87
C ALA A 90 -5.53 -1.49 16.10
N GLU A 91 -6.59 -1.79 15.35
CA GLU A 91 -7.87 -1.12 15.54
C GLU A 91 -8.95 -2.19 15.71
N GLN A 92 -10.10 -1.79 16.28
CA GLN A 92 -11.13 -2.78 16.54
C GLN A 92 -11.53 -3.54 15.28
N GLN A 93 -11.50 -2.86 14.12
CA GLN A 93 -11.89 -3.44 12.85
C GLN A 93 -10.93 -4.53 12.37
N ASP A 94 -9.74 -4.64 12.97
CA ASP A 94 -8.82 -5.72 12.66
C ASP A 94 -9.19 -7.03 13.33
N SER A 95 -10.16 -7.04 14.24
CA SER A 95 -10.49 -8.28 14.94
C SER A 95 -10.95 -9.34 13.95
N GLY A 96 -10.58 -10.58 14.20
CA GLY A 96 -11.03 -11.67 13.38
C GLY A 96 -9.94 -12.70 13.16
N CYS A 97 -10.19 -13.54 12.16
CA CYS A 97 -9.36 -14.72 11.91
C CYS A 97 -8.24 -14.42 10.92
N TYR A 98 -7.05 -14.91 11.26
CA TYR A 98 -5.88 -14.79 10.39
C TYR A 98 -5.28 -16.17 10.24
N LEU A 99 -4.76 -16.45 9.05
CA LEU A 99 -4.18 -17.76 8.75
C LEU A 99 -2.75 -17.60 8.29
N CYS A 100 -1.90 -18.52 8.74
CA CYS A 100 -0.53 -18.65 8.25
C CYS A 100 -0.46 -19.98 7.50
N GLU A 101 -0.20 -19.91 6.20
CA GLU A 101 -0.06 -21.12 5.39
C GLU A 101 1.40 -21.36 5.07
N ILE A 102 1.85 -22.61 5.18
CA ILE A 102 3.22 -23.01 4.89
C ILE A 102 3.21 -23.80 3.59
N ASN A 103 4.21 -23.55 2.73
CA ASN A 103 4.29 -24.27 1.46
C ASN A 103 4.96 -25.64 1.59
N ASP A 104 4.68 -26.36 2.67
CA ASP A 104 5.26 -27.68 2.93
C ASP A 104 4.40 -28.77 2.30
N LYS A 105 4.87 -30.03 2.39
CA LYS A 105 4.21 -31.11 1.66
C LYS A 105 2.81 -31.35 2.21
N HIS A 106 2.61 -31.17 3.51
CA HIS A 106 1.28 -31.41 4.03
CA HIS A 106 1.34 -31.35 4.20
C HIS A 106 0.41 -30.17 4.03
N ASN A 107 0.90 -29.06 3.48
CA ASN A 107 0.16 -27.82 3.28
C ASN A 107 -0.41 -27.33 4.61
N THR A 108 0.50 -27.15 5.58
CA THR A 108 0.13 -26.75 6.93
C THR A 108 -0.53 -25.37 6.95
N VAL A 109 -1.62 -25.26 7.71
CA VAL A 109 -2.31 -23.99 7.93
C VAL A 109 -2.49 -23.82 9.43
N TYR A 110 -2.04 -22.70 9.96
CA TYR A 110 -2.29 -22.36 11.36
C TYR A 110 -3.28 -21.20 11.38
N ALA A 111 -4.22 -21.24 12.32
CA ALA A 111 -5.22 -20.20 12.45
C ALA A 111 -5.02 -19.46 13.77
N VAL A 112 -5.13 -18.12 13.72
CA VAL A 112 -5.03 -17.26 14.90
C VAL A 112 -6.23 -16.33 14.91
N TYR A 113 -6.88 -16.22 16.06
CA TYR A 113 -7.96 -15.25 16.24
C TYR A 113 -7.43 -14.04 17.02
N LEU A 114 -7.61 -12.86 16.42
CA LEU A 114 -7.18 -11.59 17.01
C LEU A 114 -8.40 -10.83 17.51
N LYS A 115 -8.39 -10.40 18.77
CA LYS A 115 -9.44 -9.57 19.33
C LYS A 115 -8.82 -8.26 19.77
N VAL A 116 -9.24 -7.15 19.16
CA VAL A 116 -8.73 -5.84 19.49
C VAL A 116 -9.80 -5.12 20.30
N LEU A 117 -9.47 -4.75 21.54
CA LEU A 117 -10.44 -4.16 22.44
C LEU A 117 -10.46 -2.66 22.24
N GLU A 118 -11.65 -2.11 22.04
CA GLU A 118 -11.80 -0.67 21.88
C GLU A 118 -12.31 -0.09 23.18
N PRO A 119 -11.51 0.74 23.89
CA PRO A 119 -11.90 1.39 25.15
C PRO A 119 -13.24 2.11 25.10
N GLY B 3 -5.04 7.34 -13.99
CA GLY B 3 -6.42 7.57 -14.37
C GLY B 3 -7.42 6.89 -13.47
N ALA B 4 -7.65 5.61 -13.72
CA ALA B 4 -8.56 4.80 -12.93
C ALA B 4 -7.79 3.87 -12.00
N PRO B 5 -8.41 3.43 -10.91
CA PRO B 5 -7.82 2.36 -10.10
C PRO B 5 -7.81 1.04 -10.86
N PRO B 6 -7.10 0.04 -10.36
CA PRO B 6 -7.11 -1.27 -11.03
C PRO B 6 -8.52 -1.82 -11.18
N THR B 7 -8.79 -2.43 -12.34
CA THR B 7 -10.06 -3.12 -12.56
C THR B 7 -9.78 -4.49 -13.15
N ILE B 8 -10.68 -5.43 -12.87
CA ILE B 8 -10.65 -6.75 -13.49
C ILE B 8 -11.68 -6.73 -14.62
N GLN B 9 -11.21 -7.03 -15.83
CA GLN B 9 -12.02 -6.83 -17.03
C GLN B 9 -12.66 -8.14 -17.44
N GLN B 10 -13.91 -8.06 -17.91
CA GLN B 10 -14.55 -9.24 -18.49
C GLN B 10 -13.80 -9.67 -19.75
N PRO B 11 -13.68 -10.99 -20.00
CA PRO B 11 -14.13 -12.10 -19.16
C PRO B 11 -13.02 -12.69 -18.31
N SER B 12 -13.14 -12.57 -16.99
CA SER B 12 -12.13 -13.08 -16.08
C SER B 12 -12.72 -14.14 -15.19
N MET B 13 -11.86 -15.07 -14.77
CA MET B 13 -12.21 -16.12 -13.81
C MET B 13 -13.53 -16.78 -14.18
N SER B 14 -13.59 -17.29 -15.41
CA SER B 14 -14.80 -17.92 -15.94
C SER B 14 -15.04 -19.25 -15.24
N SER B 15 -16.26 -19.47 -14.76
CA SER B 15 -16.59 -20.74 -14.15
C SER B 15 -16.60 -21.81 -15.23
N ALA B 16 -16.18 -23.03 -14.87
CA ALA B 16 -15.98 -24.06 -15.88
C ALA B 16 -16.27 -25.43 -15.30
N VAL B 17 -16.66 -26.36 -16.17
CA VAL B 17 -16.59 -27.78 -15.86
C VAL B 17 -15.55 -28.40 -16.78
N ALA B 18 -14.60 -29.08 -16.18
CA ALA B 18 -13.52 -29.75 -16.90
C ALA B 18 -13.63 -31.25 -16.68
N LEU B 19 -12.99 -31.98 -17.59
CA LEU B 19 -12.89 -33.42 -17.47
C LEU B 19 -11.64 -33.80 -16.70
N LEU B 20 -11.75 -34.87 -15.91
CA LEU B 20 -10.62 -35.40 -15.17
C LEU B 20 -9.39 -35.48 -16.07
N GLY B 21 -8.28 -34.89 -15.59
CA GLY B 21 -7.03 -34.95 -16.30
C GLY B 21 -6.76 -33.81 -17.27
N GLN B 22 -7.76 -33.01 -17.61
CA GLN B 22 -7.51 -31.84 -18.44
C GLN B 22 -6.70 -30.80 -17.68
N ASP B 23 -6.06 -29.90 -18.43
CA ASP B 23 -5.50 -28.70 -17.85
C ASP B 23 -6.55 -27.61 -17.96
N VAL B 24 -6.64 -26.76 -16.93
CA VAL B 24 -7.66 -25.72 -16.86
C VAL B 24 -6.96 -24.38 -16.64
N ASP B 25 -7.30 -23.39 -17.48
CA ASP B 25 -6.80 -22.03 -17.34
C ASP B 25 -7.84 -21.14 -16.68
N PHE B 26 -7.40 -20.35 -15.70
CA PHE B 26 -8.17 -19.23 -15.19
C PHE B 26 -7.44 -17.95 -15.57
N THR B 27 -8.16 -17.03 -16.22
CA THR B 27 -7.54 -15.83 -16.75
C THR B 27 -8.09 -14.64 -15.98
N CYS B 28 -7.19 -13.80 -15.48
CA CYS B 28 -7.54 -12.57 -14.77
C CYS B 28 -7.00 -11.41 -15.60
N ILE B 29 -7.91 -10.65 -16.23
CA ILE B 29 -7.50 -9.54 -17.09
C ILE B 29 -7.53 -8.27 -16.25
N VAL B 30 -6.37 -7.64 -16.07
CA VAL B 30 -6.25 -6.55 -15.10
C VAL B 30 -5.83 -5.31 -15.85
N ASN B 31 -6.63 -4.26 -15.73
CA ASN B 31 -6.29 -2.98 -16.33
C ASN B 31 -5.88 -2.02 -15.25
N ASP B 32 -4.93 -1.14 -15.60
CA ASP B 32 -4.42 -0.11 -14.69
C ASP B 32 -3.91 -0.70 -13.38
N LEU B 33 -3.12 -1.77 -13.51
CA LEU B 33 -2.56 -2.41 -12.32
C LEU B 33 -1.60 -1.48 -11.58
N GLY B 34 -0.84 -0.67 -12.32
CA GLY B 34 0.10 0.23 -11.67
C GLY B 34 1.08 -0.52 -10.80
N SER B 35 1.28 -0.04 -9.57
CA SER B 35 2.19 -0.71 -8.63
C SER B 35 1.51 -1.78 -7.78
N HIS B 36 0.23 -2.07 -8.05
CA HIS B 36 -0.48 -3.13 -7.34
C HIS B 36 0.03 -4.50 -7.75
N MET B 37 -0.44 -5.52 -7.01
CA MET B 37 -0.06 -6.91 -7.30
C MET B 37 -1.28 -7.81 -7.31
N VAL B 38 -1.12 -8.97 -7.96
CA VAL B 38 -2.20 -9.92 -8.20
C VAL B 38 -1.86 -11.22 -7.48
N ALA B 39 -2.85 -11.81 -6.82
CA ALA B 39 -2.69 -13.15 -6.25
C ALA B 39 -3.81 -14.06 -6.71
N PHE B 40 -3.50 -15.34 -6.91
CA PHE B 40 -4.52 -16.35 -7.15
C PHE B 40 -4.66 -17.23 -5.92
N VAL B 41 -5.90 -17.50 -5.51
CA VAL B 41 -6.20 -18.24 -4.29
C VAL B 41 -7.27 -19.27 -4.59
N LYS B 42 -7.19 -20.41 -3.92
CA LYS B 42 -8.28 -21.39 -3.91
C LYS B 42 -9.16 -21.06 -2.71
N ALA B 43 -10.36 -20.58 -2.97
CA ALA B 43 -11.24 -20.10 -1.90
C ALA B 43 -11.98 -21.24 -1.20
N ASP B 44 -11.24 -22.29 -0.80
CA ASP B 44 -11.77 -23.30 0.10
C ASP B 44 -11.81 -22.71 1.51
N SER B 45 -12.15 -23.54 2.49
CA SER B 45 -12.05 -23.17 3.91
C SER B 45 -11.17 -24.19 4.62
N PRO B 46 -9.92 -23.84 4.96
CA PRO B 46 -9.32 -22.53 4.76
C PRO B 46 -8.93 -22.22 3.30
N PRO B 47 -8.83 -20.94 2.96
CA PRO B 47 -8.37 -20.58 1.63
C PRO B 47 -6.90 -20.93 1.48
N ARG B 48 -6.52 -21.22 0.24
CA ARG B 48 -5.17 -21.69 -0.08
C ARG B 48 -4.53 -20.77 -1.11
N LEU B 49 -3.33 -20.28 -0.81
CA LEU B 49 -2.62 -19.43 -1.76
C LEU B 49 -2.00 -20.25 -2.87
N LEU B 50 -2.26 -19.85 -4.12
CA LEU B 50 -1.70 -20.54 -5.28
C LEU B 50 -0.53 -19.77 -5.88
N SER B 51 -0.70 -18.46 -6.09
CA SER B 51 0.39 -17.65 -6.63
C SER B 51 0.27 -16.25 -6.08
N PHE B 52 1.41 -15.55 -5.98
CA PHE B 52 1.41 -14.14 -5.58
C PHE B 52 2.40 -13.36 -6.45
N ASP B 53 1.97 -12.21 -6.97
CA ASP B 53 2.76 -11.47 -7.96
C ASP B 53 3.17 -12.43 -9.08
N GLU B 54 4.47 -12.63 -9.34
CA GLU B 54 4.84 -13.51 -10.44
C GLU B 54 5.31 -14.89 -9.97
N LYS B 55 5.01 -15.25 -8.73
CA LYS B 55 5.52 -16.49 -8.14
C LYS B 55 4.41 -17.47 -7.79
N VAL B 56 4.63 -18.73 -8.14
CA VAL B 56 3.77 -19.81 -7.67
C VAL B 56 4.23 -20.22 -6.28
N PHE B 57 3.27 -20.33 -5.36
CA PHE B 57 3.58 -20.62 -3.96
C PHE B 57 3.67 -22.11 -3.66
N ARG B 58 2.86 -22.98 -4.25
N ARG B 58 2.71 -22.82 -4.26
CA ARG B 58 3.09 -24.39 -3.94
CA ARG B 58 2.26 -24.16 -3.88
C ARG B 58 2.87 -25.25 -5.17
C ARG B 58 2.69 -25.13 -4.96
N ARG B 59 3.44 -26.46 -5.12
N ARG B 59 3.50 -26.11 -4.58
CA ARG B 59 3.20 -27.51 -6.11
CA ARG B 59 4.01 -27.12 -5.49
C ARG B 59 3.57 -27.03 -7.51
C ARG B 59 4.77 -26.48 -6.65
N ARG B 60 4.87 -26.79 -7.66
N ARG B 60 5.32 -27.26 -7.54
CA ARG B 60 5.39 -26.17 -8.88
CA ARG B 60 5.96 -26.58 -8.65
C ARG B 60 5.01 -26.95 -10.13
C ARG B 60 5.64 -27.19 -10.00
N ASN B 61 4.86 -28.26 -10.04
CA ASN B 61 4.48 -28.93 -11.27
C ASN B 61 2.97 -28.99 -11.44
N LYS B 62 2.23 -28.46 -10.49
CA LYS B 62 0.78 -28.51 -10.58
C LYS B 62 0.19 -27.24 -11.16
N TYR B 63 0.76 -26.10 -10.85
CA TYR B 63 0.26 -24.83 -11.35
C TYR B 63 1.33 -24.13 -12.19
N GLU B 64 0.86 -23.40 -13.18
CA GLU B 64 1.69 -22.54 -13.99
CA GLU B 64 1.69 -22.54 -13.99
C GLU B 64 1.09 -21.14 -13.99
N LEU B 65 1.91 -20.13 -13.76
CA LEU B 65 1.47 -18.74 -13.82
C LEU B 65 2.17 -18.03 -14.98
N LYS B 66 1.37 -17.36 -15.81
CA LYS B 66 1.85 -16.56 -16.93
C LYS B 66 1.38 -15.14 -16.70
N PRO B 67 2.24 -14.25 -16.22
CA PRO B 67 1.83 -12.85 -16.02
C PRO B 67 1.89 -12.01 -17.28
N ARG B 68 0.97 -11.04 -17.35
CA ARG B 68 1.00 -9.95 -18.34
C ARG B 68 1.12 -10.46 -19.77
N ILE B 69 0.29 -11.45 -20.13
CA ILE B 69 0.28 -11.92 -21.51
C ILE B 69 -0.97 -11.43 -22.21
N GLY B 70 -1.24 -11.96 -23.39
CA GLY B 70 -2.30 -11.42 -24.23
C GLY B 70 -1.84 -10.22 -25.04
N ASP B 71 -2.71 -9.79 -25.95
CA ASP B 71 -2.37 -8.70 -26.86
C ASP B 71 -1.96 -7.44 -26.11
N LEU B 72 -2.69 -7.10 -25.05
CA LEU B 72 -2.45 -5.86 -24.31
C LEU B 72 -1.56 -6.07 -23.08
N HIS B 73 -0.93 -7.24 -22.94
CA HIS B 73 0.01 -7.52 -21.84
C HIS B 73 -0.66 -7.36 -20.48
N ASN B 74 -1.94 -7.70 -20.40
CA ASN B 74 -2.72 -7.48 -19.18
C ASN B 74 -3.44 -8.73 -18.71
N GLU B 75 -3.17 -9.90 -19.28
CA GLU B 75 -3.83 -11.12 -18.87
C GLU B 75 -2.91 -11.91 -17.93
N TRP B 76 -3.43 -12.27 -16.76
CA TRP B 76 -2.70 -13.12 -15.82
C TRP B 76 -3.36 -14.49 -15.85
N VAL B 77 -2.64 -15.51 -16.31
CA VAL B 77 -3.25 -16.81 -16.54
C VAL B 77 -2.64 -17.83 -15.59
N LEU B 78 -3.48 -18.42 -14.75
CA LEU B 78 -3.09 -19.55 -13.89
C LEU B 78 -3.60 -20.84 -14.52
N THR B 79 -2.70 -21.78 -14.81
CA THR B 79 -3.11 -23.08 -15.32
C THR B 79 -3.06 -24.06 -14.17
N ILE B 80 -4.13 -24.82 -13.97
CA ILE B 80 -4.13 -25.97 -13.08
C ILE B 80 -3.97 -27.22 -13.94
N LYS B 81 -2.88 -27.96 -13.73
CA LYS B 81 -2.58 -29.08 -14.61
C LYS B 81 -3.27 -30.35 -14.09
N ASN B 82 -3.68 -31.21 -15.01
CA ASN B 82 -4.14 -32.56 -14.67
C ASN B 82 -5.23 -32.54 -13.57
N VAL B 83 -6.37 -31.90 -13.88
CA VAL B 83 -7.30 -31.61 -12.79
C VAL B 83 -7.91 -32.89 -12.23
N GLN B 84 -8.10 -32.90 -10.91
CA GLN B 84 -8.63 -34.00 -10.13
C GLN B 84 -9.86 -33.52 -9.37
N GLU B 85 -10.56 -34.48 -8.75
CA GLU B 85 -11.71 -34.11 -7.91
C GLU B 85 -11.29 -33.12 -6.81
N SER B 86 -10.06 -33.26 -6.30
CA SER B 86 -9.58 -32.36 -5.25
C SER B 86 -9.41 -30.92 -5.73
N ASP B 87 -9.35 -30.70 -7.05
CA ASP B 87 -9.23 -29.35 -7.59
C ASP B 87 -10.57 -28.65 -7.73
N ARG B 88 -11.67 -29.36 -7.50
CA ARG B 88 -12.98 -28.72 -7.54
C ARG B 88 -13.05 -27.60 -6.53
N GLY B 89 -13.80 -26.54 -6.87
CA GLY B 89 -14.07 -25.46 -5.96
C GLY B 89 -13.88 -24.11 -6.61
N ASN B 90 -13.85 -23.09 -5.76
CA ASN B 90 -13.76 -21.70 -6.23
C ASN B 90 -12.32 -21.22 -6.26
N TYR B 91 -11.99 -20.48 -7.32
CA TYR B 91 -10.68 -19.89 -7.54
C TYR B 91 -10.87 -18.39 -7.66
N SER B 92 -10.04 -17.61 -6.97
CA SER B 92 -10.18 -16.16 -7.01
C SER B 92 -8.89 -15.52 -7.48
N CYS B 93 -9.03 -14.49 -8.30
CA CYS B 93 -7.99 -13.52 -8.61
C CYS B 93 -8.23 -12.32 -7.72
N GLN B 94 -7.17 -11.85 -7.03
CA GLN B 94 -7.28 -10.75 -6.08
C GLN B 94 -6.25 -9.69 -6.44
N ILE B 95 -6.66 -8.41 -6.49
CA ILE B 95 -5.73 -7.29 -6.59
C ILE B 95 -5.66 -6.65 -5.21
N ASN B 96 -4.45 -6.33 -4.76
CA ASN B 96 -4.24 -5.81 -3.41
C ASN B 96 -4.64 -4.33 -3.25
N THR B 97 -5.72 -3.90 -3.89
CA THR B 97 -6.34 -2.64 -3.51
C THR B 97 -6.94 -2.78 -2.12
N GLU B 98 -7.38 -1.65 -1.55
CA GLU B 98 -8.12 -1.65 -0.29
C GLU B 98 -9.39 -0.85 -0.44
N PRO B 99 -10.57 -1.48 -0.38
CA PRO B 99 -10.79 -2.94 -0.25
C PRO B 99 -10.25 -3.73 -1.43
N ILE B 100 -10.04 -5.04 -1.25
CA ILE B 100 -9.47 -5.81 -2.35
C ILE B 100 -10.45 -5.84 -3.52
N THR B 101 -9.88 -6.03 -4.71
CA THR B 101 -10.64 -6.22 -5.94
C THR B 101 -10.55 -7.70 -6.27
N LEU B 102 -11.70 -8.36 -6.41
CA LEU B 102 -11.78 -9.82 -6.54
C LEU B 102 -12.58 -10.22 -7.77
N SER B 103 -12.20 -11.34 -8.36
CA SER B 103 -13.03 -12.01 -9.37
C SER B 103 -12.92 -13.50 -9.09
N THR B 104 -14.04 -14.21 -9.06
CA THR B 104 -14.05 -15.61 -8.64
C THR B 104 -14.77 -16.47 -9.67
N GLY B 105 -14.25 -17.67 -9.92
CA GLY B 105 -14.95 -18.63 -10.76
C GLY B 105 -14.91 -20.00 -10.12
N GLU B 106 -15.93 -20.80 -10.40
CA GLU B 106 -16.04 -22.13 -9.81
C GLU B 106 -15.62 -23.20 -10.82
N LEU B 107 -14.78 -24.14 -10.38
CA LEU B 107 -14.34 -25.28 -11.18
C LEU B 107 -15.11 -26.53 -10.74
N ASP B 108 -15.78 -27.17 -11.69
CA ASP B 108 -16.25 -28.53 -11.50
C ASP B 108 -15.37 -29.46 -12.30
N VAL B 109 -15.20 -30.69 -11.82
CA VAL B 109 -14.39 -31.70 -12.49
C VAL B 109 -15.23 -32.97 -12.59
N LYS B 110 -15.45 -33.42 -13.82
CA LYS B 110 -16.27 -34.61 -14.07
C LYS B 110 -15.38 -35.83 -14.24
N VAL B 111 -15.71 -36.90 -13.53
CA VAL B 111 -14.97 -38.16 -13.60
C VAL B 111 -15.74 -39.13 -14.49
N PRO B 112 -15.06 -39.93 -15.33
CA PRO B 112 -15.69 -40.98 -16.13
C PRO B 112 -16.53 -41.96 -15.29
N SER C 5 13.91 17.98 -23.10
CA SER C 5 14.57 19.28 -22.96
C SER C 5 13.62 20.29 -22.32
N GLU C 6 12.45 20.46 -22.93
CA GLU C 6 11.45 21.36 -22.36
C GLU C 6 10.95 20.86 -21.01
N GLU C 7 10.86 19.54 -20.85
CA GLU C 7 10.37 18.97 -19.60
C GLU C 7 11.41 19.08 -18.48
N VAL C 8 12.69 18.91 -18.82
CA VAL C 8 13.74 18.97 -17.80
C VAL C 8 13.88 20.40 -17.28
N MET C 9 13.83 21.38 -18.17
CA MET C 9 13.96 22.77 -17.73
C MET C 9 12.77 23.20 -16.90
N ALA C 10 11.56 22.77 -17.29
CA ALA C 10 10.38 23.05 -16.47
C ALA C 10 10.51 22.47 -15.08
N CYS C 11 11.21 21.34 -14.94
CA CYS C 11 11.40 20.73 -13.63
C CYS C 11 12.38 21.54 -12.79
N LEU C 12 13.58 21.79 -13.31
CA LEU C 12 14.63 22.46 -12.55
C LEU C 12 14.24 23.88 -12.16
N ARG C 13 13.34 24.52 -12.91
CA ARG C 13 12.86 25.84 -12.55
C ARG C 13 12.02 25.85 -11.28
N GLN C 14 11.61 24.69 -10.78
CA GLN C 14 10.77 24.65 -9.58
C GLN C 14 11.58 24.72 -8.29
N GLU C 15 12.92 24.72 -8.39
CA GLU C 15 13.75 24.89 -7.21
C GLU C 15 13.48 26.25 -6.56
N ARG C 16 13.36 26.24 -5.23
CA ARG C 16 13.19 27.46 -4.44
C ARG C 16 14.18 27.35 -3.28
N SER C 17 15.31 28.03 -3.38
CA SER C 17 16.36 27.84 -2.39
C SER C 17 17.20 29.09 -2.28
N ARG C 18 17.80 29.26 -1.10
CA ARG C 18 18.87 30.25 -0.91
C ARG C 18 20.24 29.66 -1.17
N VAL C 19 20.45 28.42 -0.73
CA VAL C 19 21.65 27.64 -1.08
C VAL C 19 21.30 26.83 -2.33
N GLU C 20 21.98 27.12 -3.43
CA GLU C 20 21.72 26.38 -4.66
C GLU C 20 22.02 24.90 -4.44
N ASN C 21 21.24 24.05 -5.11
CA ASN C 21 21.26 22.62 -4.82
C ASN C 21 22.66 22.05 -5.03
N PRO C 22 23.29 21.48 -4.00
CA PRO C 22 24.58 20.80 -4.21
C PRO C 22 24.46 19.36 -4.65
N SER C 23 23.25 18.80 -4.71
CA SER C 23 23.06 17.41 -5.08
C SER C 23 22.62 17.27 -6.53
N GLN C 24 22.64 16.02 -7.00
CA GLN C 24 22.31 15.76 -8.40
C GLN C 24 20.87 16.15 -8.70
N THR C 25 20.66 16.76 -9.87
CA THR C 25 19.33 17.19 -10.27
C THR C 25 18.85 16.55 -11.56
N ILE C 26 19.69 15.78 -12.25
CA ILE C 26 19.30 15.00 -13.40
C ILE C 26 19.76 13.58 -13.16
N VAL C 27 18.81 12.66 -12.96
CA VAL C 27 19.09 11.27 -12.61
C VAL C 27 18.67 10.39 -13.77
N ASN C 28 19.61 9.63 -14.31
CA ASN C 28 19.38 8.70 -15.40
C ASN C 28 19.50 7.28 -14.86
N VAL C 29 18.54 6.44 -15.23
CA VAL C 29 18.51 5.06 -14.78
C VAL C 29 17.90 4.21 -15.89
N VAL C 30 18.35 2.97 -15.98
CA VAL C 30 17.76 2.02 -16.91
C VAL C 30 16.61 1.32 -16.20
N ALA C 31 15.51 1.13 -16.92
CA ALA C 31 14.32 0.54 -16.31
C ALA C 31 14.63 -0.84 -15.75
N GLU C 32 13.93 -1.19 -14.67
CA GLU C 32 14.04 -2.39 -13.85
C GLU C 32 15.19 -2.28 -12.85
N ASN C 33 15.98 -1.22 -12.88
CA ASN C 33 17.04 -0.98 -11.93
C ASN C 33 16.57 -0.02 -10.85
N PRO C 34 17.26 0.05 -9.72
CA PRO C 34 16.89 1.04 -8.70
C PRO C 34 17.38 2.44 -9.06
N ALA C 35 16.62 3.44 -8.61
CA ALA C 35 17.00 4.83 -8.74
C ALA C 35 17.16 5.43 -7.35
N TYR C 36 18.05 6.43 -7.26
CA TYR C 36 18.36 7.10 -6.00
C TYR C 36 18.32 8.60 -6.25
N LEU C 37 17.41 9.28 -5.57
CA LEU C 37 17.32 10.73 -5.64
C LEU C 37 17.82 11.32 -4.32
N HIS C 38 18.66 12.34 -4.40
CA HIS C 38 19.32 12.87 -3.22
C HIS C 38 18.77 14.23 -2.85
N CYS C 39 18.75 14.50 -1.53
CA CYS C 39 18.29 15.77 -0.99
C CYS C 39 19.21 16.19 0.14
N SER C 40 19.89 17.32 0.00
CA SER C 40 20.80 17.84 1.01
C SER C 40 20.06 18.75 1.97
N VAL C 41 20.36 18.63 3.25
CA VAL C 41 19.72 19.42 4.28
C VAL C 41 20.79 20.21 5.03
N PRO C 42 20.42 21.29 5.70
CA PRO C 42 21.41 22.07 6.46
C PRO C 42 22.04 21.23 7.56
N PRO C 43 23.34 21.40 7.79
CA PRO C 43 24.03 20.62 8.82
C PRO C 43 23.71 21.12 10.23
N ASP C 44 23.94 20.23 11.20
CA ASP C 44 23.79 20.53 12.62
C ASP C 44 22.35 20.96 12.94
N ALA C 45 21.39 20.20 12.42
CA ALA C 45 19.97 20.44 12.66
C ALA C 45 19.20 19.23 12.18
N GLU C 46 18.14 18.88 12.91
CA GLU C 46 17.29 17.72 12.58
C GLU C 46 16.08 18.23 11.83
N HIS C 47 16.22 18.38 10.51
CA HIS C 47 15.11 18.80 9.68
C HIS C 47 14.35 17.60 9.14
N GLU C 48 13.08 17.81 8.82
CA GLU C 48 12.29 16.82 8.11
C GLU C 48 12.12 17.23 6.65
N ILE C 49 12.04 16.23 5.78
CA ILE C 49 11.89 16.46 4.35
C ILE C 49 10.65 15.70 3.88
N ALA C 50 10.16 16.13 2.71
CA ALA C 50 9.05 15.45 2.05
C ALA C 50 9.37 15.35 0.56
N TRP C 51 9.11 14.19 -0.03
CA TRP C 51 9.30 13.97 -1.45
C TRP C 51 7.95 13.90 -2.14
N THR C 52 7.80 14.63 -3.24
CA THR C 52 6.55 14.71 -3.99
C THR C 52 6.80 14.45 -5.46
N ARG C 53 5.90 13.69 -6.09
CA ARG C 53 5.90 13.47 -7.54
C ARG C 53 5.09 14.57 -8.23
N VAL C 54 5.73 15.31 -9.13
CA VAL C 54 5.11 16.54 -9.66
C VAL C 54 3.96 16.22 -10.60
N SER C 55 4.07 15.14 -11.39
CA SER C 55 3.11 14.90 -12.46
C SER C 55 1.67 14.83 -11.93
N ASP C 56 1.46 14.13 -10.81
CA ASP C 56 0.14 14.09 -10.19
C ASP C 56 0.08 14.83 -8.86
N GLY C 57 1.22 15.28 -8.33
CA GLY C 57 1.25 15.88 -7.01
C GLY C 57 1.28 14.90 -5.86
N ALA C 58 1.47 13.60 -6.13
CA ALA C 58 1.40 12.61 -5.07
C ALA C 58 2.54 12.81 -4.06
N LEU C 59 2.17 12.87 -2.79
CA LEU C 59 3.16 12.84 -1.72
C LEU C 59 3.75 11.45 -1.61
N LEU C 60 5.06 11.33 -1.76
CA LEU C 60 5.66 9.99 -1.73
C LEU C 60 6.15 9.63 -0.34
N THR C 61 6.93 10.51 0.29
CA THR C 61 7.45 10.29 1.63
C THR C 61 7.38 11.61 2.39
N ALA C 62 7.32 11.50 3.71
CA ALA C 62 7.26 12.69 4.55
C ALA C 62 7.83 12.31 5.91
N GLY C 63 8.83 13.06 6.36
CA GLY C 63 9.56 12.65 7.55
C GLY C 63 10.33 11.38 7.26
N ASN C 64 10.40 10.50 8.25
CA ASN C 64 11.13 9.24 8.16
CA ASN C 64 11.16 9.25 8.09
C ASN C 64 10.27 8.08 7.65
N ARG C 65 9.11 8.36 7.06
CA ARG C 65 8.17 7.32 6.68
C ARG C 65 7.71 7.52 5.23
N THR C 66 7.42 6.40 4.58
CA THR C 66 6.81 6.44 3.25
C THR C 66 5.34 6.80 3.42
N PHE C 67 4.82 7.64 2.54
CA PHE C 67 3.42 8.03 2.55
C PHE C 67 2.63 7.29 1.48
N THR C 68 3.16 7.26 0.26
CA THR C 68 2.54 6.50 -0.81
C THR C 68 2.43 5.02 -0.43
N ARG C 69 1.46 4.34 -1.02
CA ARG C 69 1.29 2.89 -0.86
C ARG C 69 1.96 2.08 -1.95
N ASP C 70 2.55 2.75 -2.93
CA ASP C 70 3.40 2.11 -3.93
C ASP C 70 4.60 1.54 -3.19
N PRO C 71 4.78 0.22 -3.14
CA PRO C 71 5.80 -0.38 -2.28
C PRO C 71 7.24 -0.12 -2.73
N ARG C 72 7.45 0.49 -3.88
CA ARG C 72 8.82 0.63 -4.41
C ARG C 72 9.60 1.81 -3.82
N TRP C 73 8.98 2.65 -3.00
CA TRP C 73 9.61 3.87 -2.51
C TRP C 73 10.00 3.73 -1.05
N GLN C 74 11.22 4.14 -0.73
CA GLN C 74 11.69 4.22 0.64
C GLN C 74 12.58 5.45 0.75
N VAL C 75 12.54 6.12 1.89
CA VAL C 75 13.43 7.25 2.17
C VAL C 75 14.39 6.82 3.26
N SER C 76 15.65 7.25 3.15
CA SER C 76 16.64 6.89 4.14
C SER C 76 17.66 8.00 4.28
N LYS C 77 18.38 7.97 5.39
CA LYS C 77 19.46 8.92 5.68
C LYS C 77 20.76 8.32 5.20
N LYS C 78 21.34 8.90 4.13
CA LYS C 78 22.58 8.39 3.58
C LYS C 78 23.79 8.82 4.41
N SER C 79 23.84 10.09 4.78
CA SER C 79 24.93 10.62 5.60
C SER C 79 24.34 11.66 6.54
N ALA C 80 25.21 12.48 7.14
CA ALA C 80 24.79 13.42 8.15
C ALA C 80 23.76 14.42 7.60
N ASN C 81 23.95 14.87 6.36
CA ASN C 81 23.09 15.90 5.80
C ASN C 81 22.51 15.51 4.44
N ILE C 82 22.48 14.24 4.12
CA ILE C 82 21.97 13.79 2.82
C ILE C 82 20.92 12.72 3.06
N TRP C 83 19.70 12.98 2.58
CA TRP C 83 18.63 12.00 2.49
C TRP C 83 18.56 11.43 1.09
N VAL C 84 18.09 10.19 0.97
CA VAL C 84 17.95 9.53 -0.33
C VAL C 84 16.55 8.97 -0.44
N LEU C 85 15.87 9.29 -1.54
CA LEU C 85 14.66 8.60 -1.96
C LEU C 85 15.06 7.43 -2.85
N ASN C 86 14.73 6.22 -2.42
CA ASN C 86 15.09 4.99 -3.12
CA ASN C 86 15.10 5.00 -3.14
C ASN C 86 13.88 4.49 -3.88
N LEU C 87 14.03 4.31 -5.20
CA LEU C 87 13.00 3.73 -6.05
C LEU C 87 13.50 2.33 -6.43
N ARG C 88 12.79 1.30 -5.95
CA ARG C 88 13.31 -0.07 -5.96
C ARG C 88 13.48 -0.61 -7.37
N ARG C 89 12.51 -0.34 -8.25
CA ARG C 89 12.52 -0.95 -9.59
C ARG C 89 11.89 0.06 -10.55
N ALA C 90 12.73 0.90 -11.14
CA ALA C 90 12.23 2.00 -11.93
C ALA C 90 11.55 1.50 -13.21
N GLU C 91 10.50 2.20 -13.60
CA GLU C 91 9.83 1.97 -14.87
C GLU C 91 9.88 3.26 -15.69
N GLN C 92 9.71 3.12 -17.00
CA GLN C 92 9.73 4.31 -17.87
C GLN C 92 8.68 5.32 -17.45
N GLN C 93 7.52 4.86 -16.96
CA GLN C 93 6.46 5.75 -16.51
C GLN C 93 6.82 6.53 -15.25
N ASP C 94 7.92 6.17 -14.57
CA ASP C 94 8.34 6.96 -13.42
C ASP C 94 9.14 8.20 -13.81
N SER C 95 9.49 8.35 -15.09
CA SER C 95 10.24 9.52 -15.51
C SER C 95 9.46 10.78 -15.19
N GLY C 96 10.17 11.84 -14.83
CA GLY C 96 9.51 13.08 -14.53
C GLY C 96 10.16 13.80 -13.38
N CYS C 97 9.48 14.85 -12.93
CA CYS C 97 10.01 15.75 -11.91
C CYS C 97 9.59 15.30 -10.52
N TYR C 98 10.54 15.42 -9.58
CA TYR C 98 10.33 15.06 -8.18
C TYR C 98 10.89 16.19 -7.32
N LEU C 99 10.18 16.52 -6.25
CA LEU C 99 10.58 17.64 -5.41
C LEU C 99 10.88 17.16 -4.00
N CYS C 100 11.95 17.70 -3.40
CA CYS C 100 12.24 17.50 -2.00
C CYS C 100 12.01 18.82 -1.29
N GLU C 101 11.04 18.85 -0.37
CA GLU C 101 10.78 20.06 0.42
C GLU C 101 11.34 19.86 1.82
N ILE C 102 12.03 20.89 2.33
CA ILE C 102 12.63 20.87 3.66
C ILE C 102 11.84 21.83 4.54
N ASN C 103 11.60 21.41 5.79
CA ASN C 103 10.88 22.25 6.74
C ASN C 103 11.80 23.23 7.47
N ASP C 104 12.80 23.77 6.77
CA ASP C 104 13.70 24.76 7.34
C ASP C 104 13.07 26.15 7.28
N LYS C 105 13.82 27.14 7.75
CA LYS C 105 13.30 28.51 7.85
C LYS C 105 12.91 29.05 6.49
N HIS C 106 13.79 28.90 5.49
CA HIS C 106 13.50 29.38 4.15
C HIS C 106 12.57 28.47 3.35
N ASN C 107 12.18 27.32 3.91
CA ASN C 107 11.26 26.38 3.25
C ASN C 107 11.77 26.01 1.85
N THR C 108 12.98 25.46 1.84
CA THR C 108 13.65 25.09 0.59
C THR C 108 12.89 23.99 -0.15
N VAL C 109 12.75 24.17 -1.47
CA VAL C 109 12.30 23.13 -2.37
C VAL C 109 13.42 22.86 -3.38
N TYR C 110 13.86 21.59 -3.46
CA TYR C 110 14.80 21.16 -4.47
C TYR C 110 14.06 20.32 -5.52
N ALA C 111 14.45 20.48 -6.78
CA ALA C 111 13.82 19.77 -7.89
C ALA C 111 14.81 18.82 -8.54
N VAL C 112 14.39 17.58 -8.75
CA VAL C 112 15.20 16.54 -9.38
C VAL C 112 14.41 15.96 -10.53
N TYR C 113 15.04 15.84 -11.71
CA TYR C 113 14.40 15.18 -12.84
C TYR C 113 14.93 13.76 -12.96
N LEU C 114 14.00 12.81 -13.02
CA LEU C 114 14.33 11.39 -13.15
C LEU C 114 14.03 10.98 -14.58
N LYS C 115 15.04 10.46 -15.28
CA LYS C 115 14.87 9.94 -16.63
C LYS C 115 15.10 8.43 -16.58
N VAL C 116 14.05 7.65 -16.79
CA VAL C 116 14.14 6.20 -16.84
C VAL C 116 14.13 5.80 -18.31
N LEU C 117 15.25 5.22 -18.76
CA LEU C 117 15.40 4.84 -20.15
C LEU C 117 14.92 3.41 -20.38
N GLU C 118 14.40 3.16 -21.58
CA GLU C 118 13.99 1.81 -21.96
C GLU C 118 15.22 0.93 -22.20
N GLY D 3 -16.18 -1.84 1.92
CA GLY D 3 -16.79 -2.11 0.64
C GLY D 3 -16.31 -1.19 -0.47
N ALA D 4 -16.31 0.10 -0.19
CA ALA D 4 -15.90 1.08 -1.18
C ALA D 4 -14.48 1.58 -0.89
N PRO D 5 -13.78 2.05 -1.91
CA PRO D 5 -12.51 2.74 -1.70
C PRO D 5 -12.74 4.09 -1.02
N PRO D 6 -11.69 4.75 -0.53
CA PRO D 6 -11.87 6.07 0.07
C PRO D 6 -12.44 7.06 -0.93
N THR D 7 -13.36 7.90 -0.46
CA THR D 7 -13.90 8.97 -1.28
C THR D 7 -13.90 10.25 -0.46
N ILE D 8 -13.75 11.38 -1.15
CA ILE D 8 -13.92 12.68 -0.53
C ILE D 8 -15.36 13.09 -0.76
N GLN D 9 -16.09 13.37 0.33
CA GLN D 9 -17.51 13.68 0.24
C GLN D 9 -17.69 15.16 0.01
N GLN D 10 -18.46 15.52 -1.02
CA GLN D 10 -18.71 16.94 -1.30
C GLN D 10 -19.90 17.43 -0.48
N PRO D 11 -19.89 18.68 -0.01
CA PRO D 11 -18.84 19.69 -0.23
C PRO D 11 -17.63 19.49 0.66
N SER D 12 -16.45 19.54 0.03
CA SER D 12 -15.17 19.54 0.71
C SER D 12 -14.28 20.56 0.01
N MET D 13 -13.33 21.12 0.77
CA MET D 13 -12.37 22.07 0.23
C MET D 13 -13.06 23.17 -0.58
N SER D 14 -14.09 23.77 0.00
CA SER D 14 -14.83 24.79 -0.73
C SER D 14 -14.01 26.07 -0.84
N SER D 15 -14.10 26.71 -2.01
CA SER D 15 -13.43 27.98 -2.21
C SER D 15 -14.02 29.03 -1.28
N ALA D 16 -13.18 29.97 -0.84
CA ALA D 16 -13.63 30.94 0.15
C ALA D 16 -12.86 32.23 0.02
N VAL D 17 -13.52 33.33 0.37
CA VAL D 17 -12.89 34.63 0.50
C VAL D 17 -12.76 34.94 1.98
N ALA D 18 -11.65 35.56 2.37
CA ALA D 18 -11.43 35.95 3.74
C ALA D 18 -10.81 37.34 3.76
N LEU D 19 -10.96 38.02 4.90
CA LEU D 19 -10.29 39.28 5.11
C LEU D 19 -8.94 39.03 5.77
N LEU D 20 -7.95 39.84 5.40
CA LEU D 20 -6.62 39.74 5.98
C LEU D 20 -6.69 39.66 7.50
N GLY D 21 -6.04 38.65 8.06
CA GLY D 21 -5.98 38.44 9.48
C GLY D 21 -6.94 37.39 10.02
N GLN D 22 -7.93 36.98 9.23
CA GLN D 22 -8.83 35.93 9.68
C GLN D 22 -8.11 34.60 9.83
N ASP D 23 -8.71 33.71 10.62
CA ASP D 23 -8.43 32.29 10.51
C ASP D 23 -9.43 31.68 9.54
N VAL D 24 -8.94 30.77 8.71
CA VAL D 24 -9.73 30.16 7.65
C VAL D 24 -9.60 28.66 7.80
N ASP D 25 -10.72 27.95 7.75
CA ASP D 25 -10.68 26.48 7.76
C ASP D 25 -10.98 25.94 6.36
N PHE D 26 -10.28 24.88 5.99
CA PHE D 26 -10.63 24.04 4.85
C PHE D 26 -10.97 22.67 5.40
N THR D 27 -12.15 22.15 5.04
CA THR D 27 -12.62 20.87 5.53
C THR D 27 -12.62 19.82 4.43
N CYS D 28 -12.05 18.67 4.74
CA CYS D 28 -12.02 17.54 3.83
C CYS D 28 -12.72 16.37 4.51
N ILE D 29 -13.87 15.97 3.97
CA ILE D 29 -14.66 14.89 4.53
C ILE D 29 -14.32 13.63 3.75
N VAL D 30 -13.80 12.61 4.44
CA VAL D 30 -13.28 11.41 3.79
C VAL D 30 -14.07 10.21 4.30
N ASN D 31 -14.74 9.51 3.39
CA ASN D 31 -15.46 8.29 3.71
C ASN D 31 -14.57 7.09 3.44
N ASP D 32 -14.62 6.10 4.33
CA ASP D 32 -13.95 4.81 4.12
C ASP D 32 -12.45 4.98 3.95
N LEU D 33 -11.84 5.77 4.83
CA LEU D 33 -10.39 6.00 4.73
C LEU D 33 -9.62 4.71 4.91
N GLY D 34 -10.08 3.84 5.80
CA GLY D 34 -9.33 2.61 6.06
C GLY D 34 -7.95 2.93 6.60
N SER D 35 -6.94 2.21 6.07
CA SER D 35 -5.54 2.43 6.41
C SER D 35 -4.86 3.48 5.51
N HIS D 36 -5.62 4.14 4.64
CA HIS D 36 -5.08 5.24 3.85
C HIS D 36 -4.78 6.45 4.73
N MET D 37 -4.10 7.43 4.13
CA MET D 37 -3.72 8.64 4.83
C MET D 37 -4.05 9.87 4.00
N VAL D 38 -4.19 11.00 4.72
CA VAL D 38 -4.63 12.27 4.16
C VAL D 38 -3.48 13.27 4.26
N ALA D 39 -3.24 14.03 3.20
CA ALA D 39 -2.30 15.16 3.24
C ALA D 39 -3.00 16.43 2.77
N PHE D 40 -2.65 17.56 3.41
CA PHE D 40 -3.02 18.87 2.88
C PHE D 40 -1.83 19.53 2.21
N VAL D 41 -2.08 20.15 1.05
CA VAL D 41 -1.05 20.74 0.21
C VAL D 41 -1.51 22.11 -0.27
N LYS D 42 -0.59 23.06 -0.30
CA LYS D 42 -0.78 24.34 -0.99
C LYS D 42 -0.41 24.11 -2.45
N ALA D 43 -1.41 24.13 -3.33
CA ALA D 43 -1.16 23.72 -4.71
C ALA D 43 -0.61 24.87 -5.55
N ASP D 44 0.41 25.55 -5.04
CA ASP D 44 1.17 26.48 -5.86
C ASP D 44 2.11 25.69 -6.75
N SER D 45 2.97 26.40 -7.48
CA SER D 45 4.01 25.77 -8.30
C SER D 45 5.35 26.34 -7.86
N PRO D 46 6.17 25.59 -7.10
CA PRO D 46 5.93 24.19 -6.70
C PRO D 46 4.89 24.05 -5.59
N PRO D 47 4.25 22.89 -5.52
CA PRO D 47 3.34 22.63 -4.40
C PRO D 47 4.12 22.55 -3.09
N ARG D 48 3.42 22.87 -2.00
CA ARG D 48 4.02 22.94 -0.69
C ARG D 48 3.20 22.08 0.27
N LEU D 49 3.87 21.17 0.96
CA LEU D 49 3.20 20.29 1.91
C LEU D 49 2.84 21.02 3.20
N LEU D 50 1.58 20.91 3.60
CA LEU D 50 1.11 21.55 4.83
C LEU D 50 0.95 20.56 5.97
N SER D 51 0.35 19.40 5.70
CA SER D 51 0.22 18.38 6.74
C SER D 51 0.18 17.01 6.08
N PHE D 52 0.57 16.00 6.82
CA PHE D 52 0.50 14.61 6.35
C PHE D 52 0.09 13.73 7.52
N ASP D 53 -0.91 12.88 7.28
CA ASP D 53 -1.51 12.08 8.34
C ASP D 53 -1.94 13.03 9.46
N GLU D 54 -1.45 12.85 10.68
CA GLU D 54 -1.89 13.72 11.77
C GLU D 54 -0.83 14.75 12.16
N LYS D 55 0.11 15.04 11.28
CA LYS D 55 1.24 15.92 11.59
C LYS D 55 1.23 17.15 10.69
N VAL D 56 1.39 18.33 11.30
CA VAL D 56 1.65 19.53 10.51
C VAL D 56 3.13 19.58 10.15
N PHE D 57 3.41 19.80 8.86
CA PHE D 57 4.79 19.69 8.36
C PHE D 57 5.67 20.83 8.87
N ARG D 58 5.17 22.05 8.83
CA ARG D 58 5.96 23.18 9.27
C ARG D 58 5.06 24.31 9.75
N ARG D 59 5.68 25.24 10.49
CA ARG D 59 5.00 26.43 11.00
C ARG D 59 3.76 26.05 11.81
N ARG D 60 4.03 25.46 12.98
CA ARG D 60 2.95 24.98 13.84
C ARG D 60 2.05 26.10 14.35
N ASN D 61 2.52 27.34 14.37
CA ASN D 61 1.68 28.46 14.78
C ASN D 61 0.85 29.03 13.63
N LYS D 62 1.22 28.70 12.39
CA LYS D 62 0.53 29.19 11.20
C LYS D 62 -0.55 28.21 10.71
N TYR D 63 -0.27 26.92 10.79
CA TYR D 63 -1.19 25.88 10.33
C TYR D 63 -1.56 24.97 11.49
N GLU D 64 -2.84 24.63 11.57
CA GLU D 64 -3.34 23.67 12.55
C GLU D 64 -4.14 22.61 11.82
N LEU D 65 -4.14 21.39 12.38
CA LEU D 65 -4.87 20.27 11.80
C LEU D 65 -5.72 19.61 12.86
N LYS D 66 -6.99 19.38 12.53
CA LYS D 66 -7.89 18.62 13.39
C LYS D 66 -8.27 17.35 12.64
N PRO D 67 -7.64 16.22 12.96
CA PRO D 67 -7.90 14.99 12.20
C PRO D 67 -9.06 14.19 12.79
N ARG D 68 -9.85 13.58 11.90
CA ARG D 68 -10.85 12.59 12.26
C ARG D 68 -11.88 13.14 13.25
N ILE D 69 -12.37 14.35 12.99
CA ILE D 69 -13.38 14.93 13.87
C ILE D 69 -14.75 14.74 13.24
N GLY D 70 -15.79 15.26 13.89
CA GLY D 70 -17.14 15.08 13.43
C GLY D 70 -17.80 13.83 14.00
N ASP D 71 -19.13 13.79 13.85
CA ASP D 71 -19.91 12.70 14.43
C ASP D 71 -19.50 11.34 13.87
N LEU D 72 -19.03 11.31 12.62
CA LEU D 72 -18.58 10.07 12.00
C LEU D 72 -17.05 9.95 11.99
N HIS D 73 -16.35 10.88 12.64
CA HIS D 73 -14.89 10.88 12.71
C HIS D 73 -14.25 10.87 11.33
N ASN D 74 -14.90 11.53 10.37
CA ASN D 74 -14.46 11.52 8.99
C ASN D 74 -14.02 12.88 8.47
N GLU D 75 -13.99 13.92 9.32
CA GLU D 75 -13.65 15.26 8.87
C GLU D 75 -12.19 15.58 9.19
N TRP D 76 -11.48 16.11 8.21
CA TRP D 76 -10.12 16.58 8.37
C TRP D 76 -10.11 18.08 8.10
N VAL D 77 -9.77 18.86 9.10
CA VAL D 77 -9.92 20.32 9.04
C VAL D 77 -8.54 20.95 9.15
N LEU D 78 -8.15 21.66 8.11
CA LEU D 78 -6.93 22.46 8.11
C LEU D 78 -7.29 23.92 8.38
N THR D 79 -6.65 24.50 9.38
CA THR D 79 -6.83 25.92 9.69
C THR D 79 -5.58 26.67 9.24
N ILE D 80 -5.77 27.72 8.44
CA ILE D 80 -4.71 28.66 8.13
C ILE D 80 -4.94 29.87 9.02
N LYS D 81 -4.00 30.14 9.91
CA LYS D 81 -4.11 31.25 10.86
C LYS D 81 -3.64 32.56 10.24
N ASN D 82 -4.32 33.65 10.61
CA ASN D 82 -3.89 35.02 10.29
C ASN D 82 -3.52 35.15 8.81
N VAL D 83 -4.53 35.00 7.97
CA VAL D 83 -4.29 34.87 6.54
C VAL D 83 -3.72 36.17 5.97
N GLN D 84 -2.75 36.03 5.08
CA GLN D 84 -2.08 37.14 4.40
C GLN D 84 -2.24 36.99 2.90
N GLU D 85 -1.74 37.99 2.16
CA GLU D 85 -1.82 37.91 0.71
C GLU D 85 -1.07 36.69 0.18
N SER D 86 0.06 36.34 0.81
CA SER D 86 0.82 35.18 0.38
C SER D 86 0.07 33.86 0.61
N ASP D 87 -1.00 33.87 1.40
CA ASP D 87 -1.80 32.67 1.60
C ASP D 87 -2.84 32.46 0.51
N ARG D 88 -3.05 33.44 -0.38
CA ARG D 88 -3.98 33.27 -1.49
C ARG D 88 -3.57 32.07 -2.34
N GLY D 89 -4.57 31.37 -2.91
CA GLY D 89 -4.28 30.33 -3.85
C GLY D 89 -5.07 29.06 -3.57
N ASN D 90 -4.65 27.96 -4.18
CA ASN D 90 -5.36 26.70 -4.05
C ASN D 90 -4.82 25.85 -2.90
N TYR D 91 -5.74 25.21 -2.18
CA TYR D 91 -5.41 24.23 -1.15
C TYR D 91 -6.04 22.90 -1.53
N SER D 92 -5.25 21.82 -1.45
CA SER D 92 -5.71 20.50 -1.84
C SER D 92 -5.71 19.54 -0.66
N CYS D 93 -6.75 18.71 -0.63
CA CYS D 93 -6.81 17.53 0.21
C CYS D 93 -6.49 16.32 -0.66
N GLN D 94 -5.51 15.51 -0.23
CA GLN D 94 -5.04 14.35 -0.99
C GLN D 94 -5.16 13.07 -0.16
N ILE D 95 -5.71 12.01 -0.76
CA ILE D 95 -5.70 10.68 -0.16
C ILE D 95 -4.73 9.83 -0.97
N ASN D 96 -3.91 9.04 -0.28
CA ASN D 96 -2.87 8.26 -0.95
C ASN D 96 -3.39 6.98 -1.59
N THR D 97 -4.57 7.04 -2.20
CA THR D 97 -4.96 6.02 -3.16
C THR D 97 -4.02 6.06 -4.36
N GLU D 98 -4.12 5.05 -5.22
CA GLU D 98 -3.40 5.05 -6.50
C GLU D 98 -4.38 4.71 -7.61
N PRO D 99 -4.72 5.67 -8.49
CA PRO D 99 -4.28 7.08 -8.47
C PRO D 99 -4.77 7.85 -7.26
N ILE D 100 -4.12 8.97 -6.96
CA ILE D 100 -4.49 9.72 -5.76
C ILE D 100 -5.89 10.27 -5.92
N THR D 101 -6.55 10.52 -4.79
CA THR D 101 -7.85 11.15 -4.75
C THR D 101 -7.64 12.57 -4.21
N LEU D 102 -8.19 13.56 -4.92
CA LEU D 102 -7.91 14.96 -4.64
C LEU D 102 -9.18 15.77 -4.56
N SER D 103 -9.17 16.78 -3.69
CA SER D 103 -10.19 17.82 -3.70
C SER D 103 -9.51 19.15 -3.42
N THR D 104 -9.87 20.19 -4.19
CA THR D 104 -9.14 21.44 -4.17
C THR D 104 -10.09 22.63 -4.11
N GLY D 105 -9.70 23.63 -3.32
CA GLY D 105 -10.45 24.85 -3.24
C GLY D 105 -9.51 26.04 -3.15
N GLU D 106 -10.02 27.20 -3.56
CA GLU D 106 -9.19 28.39 -3.67
C GLU D 106 -9.49 29.35 -2.53
N LEU D 107 -8.43 29.95 -1.98
CA LEU D 107 -8.55 31.01 -0.98
C LEU D 107 -8.24 32.35 -1.61
N ASP D 108 -9.17 33.29 -1.49
CA ASP D 108 -8.93 34.68 -1.82
C ASP D 108 -8.83 35.46 -0.53
N VAL D 109 -7.85 36.36 -0.45
CA VAL D 109 -7.61 37.16 0.75
C VAL D 109 -7.81 38.62 0.36
N LYS D 110 -8.72 39.30 1.05
CA LYS D 110 -9.00 40.71 0.81
C LYS D 110 -8.25 41.58 1.80
N VAL D 111 -7.74 42.71 1.31
CA VAL D 111 -7.05 43.67 2.17
C VAL D 111 -7.88 44.93 2.35
C1 NAG E . -18.16 -21.52 -4.49
C2 NAG E . -18.68 -22.60 -3.56
C3 NAG E . -20.20 -22.73 -3.68
C4 NAG E . -20.86 -21.36 -3.50
C5 NAG E . -20.22 -20.32 -4.41
C6 NAG E . -20.72 -18.92 -4.16
C7 NAG E . -17.36 -24.58 -2.91
C8 NAG E . -17.26 -23.95 -1.55
N2 NAG E . -18.05 -23.89 -3.83
O3 NAG E . -20.69 -23.62 -2.68
O4 NAG E . -22.25 -21.46 -3.83
O5 NAG E . -18.80 -20.30 -4.22
O6 NAG E . -20.11 -17.98 -5.04
O7 NAG E . -16.83 -25.66 -3.18
C1 NAG E . -23.10 -21.13 -2.79
C2 NAG E . -24.52 -20.65 -3.04
C3 NAG E . -25.19 -20.26 -1.73
C4 NAG E . -25.10 -21.41 -0.72
C5 NAG E . -23.66 -21.87 -0.58
C6 NAG E . -23.51 -23.09 0.30
C7 NAG E . -24.54 -19.71 -5.31
C8 NAG E . -24.55 -18.46 -6.13
N2 NAG E . -24.54 -19.54 -3.98
O3 NAG E . -26.55 -19.92 -1.97
O4 NAG E . -25.59 -20.97 0.53
O5 NAG E . -23.12 -22.22 -1.86
O6 NAG E . -22.17 -23.55 0.33
O7 NAG E . -24.52 -20.82 -5.83
S SO4 F . -4.83 1.38 -2.79
O1 SO4 F . -3.41 1.33 -2.45
O2 SO4 F . -5.33 2.75 -2.76
O3 SO4 F . -5.58 0.68 -1.74
O4 SO4 F . -5.20 0.69 -4.02
S SO4 G . 4.87 -31.27 -7.35
O1 SO4 G . 5.85 -30.31 -6.86
O2 SO4 G . 3.84 -30.58 -8.09
O3 SO4 G . 5.55 -32.25 -8.21
O4 SO4 G . 4.23 -31.93 -6.21
S SO4 H . 6.87 -28.16 -4.24
O1 SO4 H . 6.22 -27.32 -3.24
O2 SO4 H . 7.04 -27.42 -5.49
O3 SO4 H . 8.18 -28.56 -3.75
O4 SO4 H . 6.05 -29.34 -4.46
S SO4 I . -2.74 -34.03 -8.15
O1 SO4 I . -3.42 -32.97 -7.42
O2 SO4 I . -2.56 -33.64 -9.54
O3 SO4 I . -1.44 -34.31 -7.56
O4 SO4 I . -3.57 -35.24 -8.08
C1 NAG J . -6.38 26.99 -8.80
C2 NAG J . -5.54 28.05 -9.54
C3 NAG J . -6.27 28.54 -10.78
C4 NAG J . -6.62 27.36 -11.68
C5 NAG J . -7.44 26.35 -10.89
C6 NAG J . -7.74 25.10 -11.69
C7 NAG J . -3.98 29.56 -8.38
C8 NAG J . -2.89 28.76 -9.03
N2 NAG J . -5.23 29.17 -8.66
O3 NAG J . -5.44 29.46 -11.48
O4 NAG J . -7.35 27.79 -12.81
O5 NAG J . -6.72 25.92 -9.72
O6 NAG J . -8.62 24.23 -10.98
O7 NAG J . -3.74 30.50 -7.64
S SO4 K . 5.51 29.83 12.80
O1 SO4 K . 6.08 29.80 11.45
O2 SO4 K . 6.16 30.90 13.56
O3 SO4 K . 5.74 28.55 13.47
O4 SO4 K . 4.09 30.10 12.71
#